data_5LEC
#
_entry.id   5LEC
#
_cell.length_a   95.150
_cell.length_b   104.590
_cell.length_c   57.000
_cell.angle_alpha   90.00
_cell.angle_beta   90.00
_cell.angle_gamma   90.00
#
_symmetry.space_group_name_H-M   'P 21 21 21'
#
loop_
_entity.id
_entity.type
_entity.pdbx_description
1 polymer DDD_D12_12_D12_12_D12
2 non-polymer 2-[3-(2-HYDROXY-1,1-DIHYDROXYMETHYL-ETHYLAMINO)-PROPYLAMINO]-2-HYDROXYMETHYL-PROPANE-1,3-DIOL
3 water water
#
_entity_poly.entity_id   1
_entity_poly.type   'polypeptide(L)'
_entity_poly.pdbx_seq_one_letter_code
;MRGSHHHHHHGSDLGKKLLEAARAGQDDEVRILLANGADVNTADETGFTPLHLAAWEGHLGIVEVLLKNGADVNANDERG
HTPLHLAAYTGHLEIVEVLLKNGAGVNATDVIGTAPLHLAAMWGHLEIVEVLLKNGAAVGAQDKFGKTPKDLARDNGNQW
IYELLEKAEKDLRRKLLEAARAGHREEVEKLIKLGADVNTADETGFTPLHLAAWEGHLGIVEVLLKNGADVNANDERGHT
PLHLAAYTGHLEIVEVLLKNGAGVNATDVIGTAPLHLAAMWGHLEIVEVLLKNGAAVGAQDKFGKTPKDLARDNGNQWIY
ELLEKAEKDLRRKLLEAARAGHREEVEKLIKLGADVNTADETGFTPLHLAAWEGHLGIVEVLLKNGADVNANDERGHTPL
HLAAYTGHLEIVEVLLKNGAGVNATDVIGTAPLHLAAMWGHLEIVEVLLKNGADVNAQDKFGKTPFDLAIDNGNEDIAEV
LQKAA
;
_entity_poly.pdbx_strand_id   A
#
loop_
_chem_comp.id
_chem_comp.type
_chem_comp.name
_chem_comp.formula
B3P non-polymer 2-[3-(2-HYDROXY-1,1-DIHYDROXYMETHYL-ETHYLAMINO)-PROPYLAMINO]-2-HYDROXYMETHYL-PROPANE-1,3-DIOL 'C11 H26 N2 O6'
#
# COMPACT_ATOMS: atom_id res chain seq x y z
N SER A 12 -43.74 -31.12 -7.09
CA SER A 12 -45.10 -30.98 -7.59
C SER A 12 -45.23 -31.57 -8.99
N ASP A 13 -45.92 -32.71 -9.09
CA ASP A 13 -46.16 -33.30 -10.39
C ASP A 13 -46.93 -32.35 -11.29
N LEU A 14 -47.91 -31.63 -10.74
CA LEU A 14 -48.63 -30.63 -11.52
C LEU A 14 -47.68 -29.54 -11.99
N GLY A 15 -46.76 -29.10 -11.13
CA GLY A 15 -45.76 -28.14 -11.54
C GLY A 15 -44.80 -28.69 -12.58
N LYS A 16 -44.57 -30.00 -12.55
CA LYS A 16 -43.68 -30.61 -13.54
C LYS A 16 -44.27 -30.51 -14.94
N LYS A 17 -45.58 -30.74 -15.08
CA LYS A 17 -46.23 -30.57 -16.37
C LYS A 17 -46.30 -29.11 -16.78
N LEU A 18 -46.41 -28.20 -15.81
CA LEU A 18 -46.39 -26.78 -16.12
C LEU A 18 -45.03 -26.36 -16.67
N LEU A 19 -43.95 -26.91 -16.12
CA LEU A 19 -42.62 -26.65 -16.67
C LEU A 19 -42.56 -27.10 -18.13
N GLU A 20 -43.01 -28.33 -18.41
CA GLU A 20 -42.99 -28.81 -19.78
C GLU A 20 -43.98 -28.06 -20.65
N ALA A 21 -45.11 -27.63 -20.08
CA ALA A 21 -46.07 -26.84 -20.84
C ALA A 21 -45.48 -25.49 -21.22
N ALA A 22 -44.62 -24.93 -20.38
CA ALA A 22 -43.95 -23.67 -20.73
C ALA A 22 -42.87 -23.89 -21.78
N ARG A 23 -42.07 -24.94 -21.62
CA ARG A 23 -41.09 -25.27 -22.65
C ARG A 23 -41.77 -25.57 -23.97
N ALA A 24 -42.93 -26.23 -23.93
CA ALA A 24 -43.65 -26.57 -25.15
C ALA A 24 -44.28 -25.34 -25.78
N GLY A 25 -44.84 -24.46 -24.97
CA GLY A 25 -45.45 -23.24 -25.45
C GLY A 25 -46.96 -23.29 -25.57
N GLN A 26 -47.64 -24.04 -24.72
CA GLN A 26 -49.10 -24.21 -24.79
C GLN A 26 -49.74 -23.21 -23.83
N ASP A 27 -50.15 -22.07 -24.36
CA ASP A 27 -50.69 -21.00 -23.52
C ASP A 27 -51.92 -21.47 -22.76
N ASP A 28 -52.90 -22.03 -23.47
CA ASP A 28 -54.14 -22.46 -22.82
C ASP A 28 -53.86 -23.51 -21.75
N GLU A 29 -52.96 -24.45 -22.04
CA GLU A 29 -52.59 -25.44 -21.03
C GLU A 29 -51.99 -24.78 -19.81
N VAL A 30 -51.15 -23.75 -20.00
CA VAL A 30 -50.60 -23.00 -18.89
C VAL A 30 -51.71 -22.33 -18.09
N ARG A 31 -52.60 -21.61 -18.79
CA ARG A 31 -53.71 -20.94 -18.11
C ARG A 31 -54.51 -21.92 -17.26
N ILE A 32 -54.78 -23.12 -17.78
CA ILE A 32 -55.46 -24.13 -16.98
C ILE A 32 -54.66 -24.44 -15.73
N LEU A 33 -53.34 -24.53 -15.86
CA LEU A 33 -52.50 -24.90 -14.72
C LEU A 33 -52.38 -23.77 -13.71
N LEU A 34 -52.53 -22.52 -14.16
CA LEU A 34 -52.46 -21.40 -13.22
C LEU A 34 -53.74 -21.31 -12.41
N ALA A 35 -54.90 -21.54 -13.04
CA ALA A 35 -56.15 -21.53 -12.30
C ALA A 35 -56.30 -22.73 -11.38
N ASN A 36 -55.55 -23.81 -11.64
CA ASN A 36 -55.59 -24.97 -10.76
C ASN A 36 -54.79 -24.72 -9.49
N GLY A 37 -53.63 -24.09 -9.61
CA GLY A 37 -52.85 -23.70 -8.45
C GLY A 37 -51.47 -24.31 -8.39
N ALA A 38 -51.06 -25.01 -9.45
CA ALA A 38 -49.71 -25.56 -9.51
C ALA A 38 -48.69 -24.45 -9.35
N ASP A 39 -47.75 -24.64 -8.44
CA ASP A 39 -46.80 -23.59 -8.07
C ASP A 39 -46.20 -22.95 -9.31
N VAL A 40 -46.36 -21.62 -9.42
CA VAL A 40 -45.81 -20.90 -10.56
C VAL A 40 -44.29 -20.87 -10.54
N ASN A 41 -43.67 -21.10 -9.37
CA ASN A 41 -42.22 -21.08 -9.22
C ASN A 41 -41.65 -22.48 -9.02
N THR A 42 -42.30 -23.49 -9.59
CA THR A 42 -41.74 -24.84 -9.56
C THR A 42 -40.34 -24.83 -10.14
N ALA A 43 -39.51 -25.77 -9.71
CA ALA A 43 -38.12 -25.84 -10.14
C ALA A 43 -37.74 -27.28 -10.45
N ASP A 44 -36.98 -27.47 -11.51
CA ASP A 44 -36.48 -28.78 -11.88
C ASP A 44 -35.21 -29.09 -11.07
N GLU A 45 -34.53 -30.18 -11.42
CA GLU A 45 -33.33 -30.58 -10.68
C GLU A 45 -32.27 -29.48 -10.73
N THR A 46 -32.15 -28.80 -11.87
CA THR A 46 -31.11 -27.78 -12.02
C THR A 46 -31.48 -26.51 -11.27
N GLY A 47 -32.73 -26.07 -11.42
CA GLY A 47 -33.18 -24.83 -10.79
C GLY A 47 -33.98 -23.95 -11.73
N PHE A 48 -34.28 -24.46 -12.92
CA PHE A 48 -35.05 -23.71 -13.91
C PHE A 48 -36.53 -23.68 -13.52
N THR A 49 -37.13 -22.52 -13.63
CA THR A 49 -38.54 -22.31 -13.33
C THR A 49 -39.34 -22.18 -14.61
N PRO A 50 -40.68 -22.19 -14.51
CA PRO A 50 -41.48 -22.04 -15.74
C PRO A 50 -41.17 -20.76 -16.50
N LEU A 51 -40.74 -19.70 -15.81
CA LEU A 51 -40.41 -18.45 -16.48
C LEU A 51 -39.07 -18.53 -17.19
N HIS A 52 -38.15 -19.35 -16.68
CA HIS A 52 -36.88 -19.56 -17.39
C HIS A 52 -37.13 -20.14 -18.78
N LEU A 53 -37.97 -21.17 -18.86
CA LEU A 53 -38.16 -21.88 -20.12
C LEU A 53 -39.00 -21.06 -21.09
N ALA A 54 -39.97 -20.31 -20.59
CA ALA A 54 -40.75 -19.44 -21.45
C ALA A 54 -39.87 -18.39 -22.13
N ALA A 55 -38.79 -17.98 -21.47
CA ALA A 55 -37.85 -17.02 -22.03
C ALA A 55 -36.79 -17.67 -22.90
N TRP A 56 -36.40 -18.91 -22.58
CA TRP A 56 -35.40 -19.62 -23.36
C TRP A 56 -35.95 -20.14 -24.68
N GLU A 57 -37.28 -20.31 -24.79
CA GLU A 57 -37.89 -20.78 -26.03
C GLU A 57 -38.48 -19.65 -26.85
N GLY A 58 -38.99 -18.59 -26.23
CA GLY A 58 -39.43 -17.42 -26.96
C GLY A 58 -40.93 -17.29 -27.07
N HIS A 59 -41.65 -17.66 -26.00
CA HIS A 59 -43.11 -17.55 -25.96
C HIS A 59 -43.46 -16.28 -25.19
N LEU A 60 -43.56 -15.16 -25.90
CA LEU A 60 -43.85 -13.88 -25.26
C LEU A 60 -45.14 -13.95 -24.45
N GLY A 61 -46.24 -14.28 -25.12
CA GLY A 61 -47.53 -14.31 -24.44
C GLY A 61 -47.48 -15.08 -23.13
N ILE A 62 -46.86 -16.26 -23.16
CA ILE A 62 -46.76 -17.07 -21.94
C ILE A 62 -46.00 -16.31 -20.86
N VAL A 63 -44.86 -15.70 -21.23
CA VAL A 63 -44.07 -14.93 -20.27
C VAL A 63 -44.96 -13.94 -19.54
N GLU A 64 -45.60 -13.04 -20.29
CA GLU A 64 -46.43 -12.00 -19.69
C GLU A 64 -47.46 -12.60 -18.74
N VAL A 65 -48.03 -13.75 -19.09
CA VAL A 65 -49.05 -14.36 -18.25
C VAL A 65 -48.45 -14.83 -16.93
N LEU A 66 -47.27 -15.45 -16.98
CA LEU A 66 -46.62 -15.89 -15.75
C LEU A 66 -46.29 -14.71 -14.85
N LEU A 67 -45.87 -13.59 -15.45
CA LEU A 67 -45.59 -12.40 -14.66
C LEU A 67 -46.84 -11.90 -13.93
N LYS A 68 -48.02 -12.04 -14.54
CA LYS A 68 -49.25 -11.63 -13.88
C LYS A 68 -49.60 -12.55 -12.71
N ASN A 69 -49.10 -13.78 -12.69
CA ASN A 69 -49.26 -14.67 -11.55
C ASN A 69 -48.03 -14.66 -10.65
N GLY A 70 -47.21 -13.62 -10.73
CA GLY A 70 -46.13 -13.41 -9.78
C GLY A 70 -45.02 -14.43 -9.84
N ALA A 71 -44.58 -14.78 -11.05
CA ALA A 71 -43.40 -15.60 -11.20
C ALA A 71 -42.16 -14.77 -10.87
N ASP A 72 -41.28 -15.31 -10.02
CA ASP A 72 -40.10 -14.57 -9.61
C ASP A 72 -39.27 -14.17 -10.82
N VAL A 73 -39.22 -12.87 -11.10
CA VAL A 73 -38.54 -12.38 -12.29
C VAL A 73 -37.03 -12.59 -12.19
N ASN A 74 -36.49 -12.76 -10.99
CA ASN A 74 -35.05 -12.91 -10.77
C ASN A 74 -34.71 -14.28 -10.20
N ALA A 75 -35.48 -15.30 -10.56
CA ALA A 75 -35.18 -16.64 -10.11
C ALA A 75 -33.84 -17.10 -10.65
N ASN A 76 -33.08 -17.80 -9.82
CA ASN A 76 -31.74 -18.27 -10.16
C ASN A 76 -31.72 -19.80 -10.15
N ASP A 77 -31.21 -20.39 -11.23
CA ASP A 77 -30.91 -21.81 -11.21
C ASP A 77 -29.64 -22.04 -10.39
N GLU A 78 -29.20 -23.30 -10.33
CA GLU A 78 -28.08 -23.65 -9.46
C GLU A 78 -26.77 -22.98 -9.87
N ARG A 79 -26.73 -22.25 -10.97
CA ARG A 79 -25.51 -21.57 -11.41
C ARG A 79 -25.71 -20.05 -11.56
N GLY A 80 -26.84 -19.53 -11.12
CA GLY A 80 -27.06 -18.09 -11.12
C GLY A 80 -27.59 -17.51 -12.42
N HIS A 81 -28.27 -18.31 -13.24
CA HIS A 81 -28.85 -17.81 -14.49
C HIS A 81 -30.29 -17.37 -14.24
N THR A 82 -30.59 -16.14 -14.57
CA THR A 82 -31.92 -15.56 -14.45
C THR A 82 -32.66 -15.65 -15.77
N PRO A 83 -33.97 -15.42 -15.76
CA PRO A 83 -34.72 -15.40 -17.04
C PRO A 83 -34.19 -14.37 -18.02
N LEU A 84 -33.59 -13.29 -17.53
CA LEU A 84 -33.04 -12.27 -18.42
C LEU A 84 -31.79 -12.76 -19.13
N HIS A 85 -30.98 -13.58 -18.47
CA HIS A 85 -29.85 -14.22 -19.13
C HIS A 85 -30.30 -15.00 -20.35
N LEU A 86 -31.33 -15.85 -20.18
CA LEU A 86 -31.75 -16.73 -21.25
C LEU A 86 -32.36 -15.94 -22.41
N ALA A 87 -33.17 -14.93 -22.12
CA ALA A 87 -33.76 -14.13 -23.18
C ALA A 87 -32.68 -13.41 -23.99
N ALA A 88 -31.66 -12.89 -23.32
CA ALA A 88 -30.56 -12.22 -24.02
C ALA A 88 -29.72 -13.23 -24.81
N TYR A 89 -29.47 -14.39 -24.22
CA TYR A 89 -28.77 -15.47 -24.92
C TYR A 89 -29.43 -15.74 -26.27
N THR A 90 -30.72 -16.06 -26.26
CA THR A 90 -31.40 -16.53 -27.46
C THR A 90 -31.84 -15.40 -28.37
N GLY A 91 -31.92 -14.17 -27.88
CA GLY A 91 -32.20 -13.04 -28.73
C GLY A 91 -33.66 -12.64 -28.81
N HIS A 92 -34.44 -12.91 -27.77
CA HIS A 92 -35.88 -12.59 -27.76
C HIS A 92 -36.06 -11.20 -27.19
N LEU A 93 -36.04 -10.20 -28.07
CA LEU A 93 -36.10 -8.81 -27.65
C LEU A 93 -37.38 -8.52 -26.87
N GLU A 94 -38.51 -9.02 -27.35
CA GLU A 94 -39.78 -8.69 -26.72
C GLU A 94 -39.84 -9.21 -25.28
N ILE A 95 -39.21 -10.34 -25.00
CA ILE A 95 -39.20 -10.87 -23.65
C ILE A 95 -38.22 -10.09 -22.78
N VAL A 96 -37.11 -9.62 -23.34
CA VAL A 96 -36.17 -8.80 -22.58
C VAL A 96 -36.87 -7.56 -22.06
N GLU A 97 -37.44 -6.76 -22.97
CA GLU A 97 -38.09 -5.51 -22.56
C GLU A 97 -39.17 -5.78 -21.51
N VAL A 98 -39.89 -6.89 -21.65
CA VAL A 98 -40.94 -7.23 -20.68
C VAL A 98 -40.32 -7.57 -19.32
N LEU A 99 -39.26 -8.38 -19.33
CA LEU A 99 -38.63 -8.79 -18.07
C LEU A 99 -38.11 -7.59 -17.31
N LEU A 100 -37.57 -6.59 -18.02
CA LEU A 100 -37.10 -5.38 -17.35
C LEU A 100 -38.26 -4.55 -16.83
N LYS A 101 -39.38 -4.53 -17.56
CA LYS A 101 -40.57 -3.85 -17.07
C LYS A 101 -41.04 -4.41 -15.74
N ASN A 102 -40.71 -5.68 -15.46
CA ASN A 102 -41.05 -6.33 -14.21
C ASN A 102 -39.90 -6.32 -13.21
N GLY A 103 -38.88 -5.48 -13.45
CA GLY A 103 -37.82 -5.29 -12.48
C GLY A 103 -36.76 -6.36 -12.47
N ALA A 104 -36.45 -6.95 -13.62
CA ALA A 104 -35.37 -7.93 -13.68
C ALA A 104 -34.03 -7.25 -13.43
N GLY A 105 -33.10 -8.01 -12.84
CA GLY A 105 -31.77 -7.49 -12.56
C GLY A 105 -30.93 -7.35 -13.81
N VAL A 106 -30.81 -6.11 -14.31
CA VAL A 106 -30.12 -5.88 -15.57
C VAL A 106 -28.66 -6.29 -15.49
N ASN A 107 -28.06 -6.21 -14.30
CA ASN A 107 -26.65 -6.51 -14.13
C ASN A 107 -26.42 -7.82 -13.38
N ALA A 108 -27.43 -8.68 -13.32
CA ALA A 108 -27.27 -9.97 -12.67
C ALA A 108 -26.18 -10.78 -13.36
N THR A 109 -25.43 -11.54 -12.57
CA THR A 109 -24.32 -12.33 -13.09
C THR A 109 -24.41 -13.76 -12.56
N ASP A 110 -24.00 -14.71 -13.39
CA ASP A 110 -23.93 -16.11 -13.00
C ASP A 110 -22.64 -16.36 -12.22
N VAL A 111 -22.43 -17.62 -11.85
CA VAL A 111 -21.26 -18.02 -11.09
C VAL A 111 -19.96 -17.78 -11.85
N ILE A 112 -20.04 -17.49 -13.16
CA ILE A 112 -18.87 -17.13 -13.95
C ILE A 112 -18.71 -15.62 -14.10
N GLY A 113 -19.65 -14.84 -13.57
CA GLY A 113 -19.62 -13.40 -13.76
C GLY A 113 -20.19 -12.95 -15.09
N THR A 114 -20.89 -13.82 -15.81
CA THR A 114 -21.51 -13.46 -17.08
C THR A 114 -22.84 -12.78 -16.81
N ALA A 115 -23.00 -11.58 -17.35
CA ALA A 115 -24.25 -10.82 -17.27
C ALA A 115 -25.01 -10.95 -18.58
N PRO A 116 -26.27 -10.50 -18.60
CA PRO A 116 -27.01 -10.53 -19.87
C PRO A 116 -26.31 -9.76 -20.98
N LEU A 117 -25.66 -8.64 -20.64
CA LEU A 117 -24.98 -7.85 -21.67
C LEU A 117 -23.79 -8.59 -22.24
N HIS A 118 -23.18 -9.49 -21.48
CA HIS A 118 -22.17 -10.37 -22.05
C HIS A 118 -22.77 -11.24 -23.14
N LEU A 119 -23.93 -11.85 -22.87
CA LEU A 119 -24.55 -12.76 -23.82
C LEU A 119 -25.05 -12.03 -25.05
N ALA A 120 -25.76 -10.91 -24.86
CA ALA A 120 -26.25 -10.14 -25.99
C ALA A 120 -25.11 -9.71 -26.89
N ALA A 121 -24.05 -9.17 -26.30
CA ALA A 121 -22.91 -8.69 -27.10
C ALA A 121 -22.24 -9.83 -27.85
N MET A 122 -22.11 -10.99 -27.21
CA MET A 122 -21.42 -12.11 -27.84
C MET A 122 -22.19 -12.64 -29.05
N TRP A 123 -23.48 -12.89 -28.87
CA TRP A 123 -24.29 -13.51 -29.93
C TRP A 123 -24.82 -12.51 -30.94
N GLY A 124 -24.54 -11.22 -30.77
CA GLY A 124 -24.82 -10.24 -31.80
C GLY A 124 -26.19 -9.62 -31.76
N HIS A 125 -26.91 -9.72 -30.65
CA HIS A 125 -28.26 -9.18 -30.55
C HIS A 125 -28.18 -7.68 -30.27
N LEU A 126 -27.89 -6.92 -31.33
CA LEU A 126 -27.71 -5.48 -31.21
C LEU A 126 -28.86 -4.83 -30.46
N GLU A 127 -30.09 -5.04 -30.94
CA GLU A 127 -31.24 -4.38 -30.34
C GLU A 127 -31.30 -4.62 -28.83
N ILE A 128 -31.02 -5.85 -28.41
CA ILE A 128 -31.01 -6.16 -26.99
C ILE A 128 -29.90 -5.39 -26.28
N VAL A 129 -28.71 -5.33 -26.89
CA VAL A 129 -27.61 -4.56 -26.31
C VAL A 129 -28.05 -3.11 -26.09
N GLU A 130 -28.68 -2.51 -27.09
CA GLU A 130 -29.14 -1.13 -26.95
C GLU A 130 -30.13 -1.00 -25.80
N VAL A 131 -31.02 -1.97 -25.64
CA VAL A 131 -32.01 -1.92 -24.56
C VAL A 131 -31.32 -2.07 -23.20
N LEU A 132 -30.48 -3.09 -23.06
CA LEU A 132 -29.81 -3.32 -21.78
C LEU A 132 -29.09 -2.06 -21.30
N LEU A 133 -28.41 -1.36 -22.21
CA LEU A 133 -27.75 -0.12 -21.84
C LEU A 133 -28.76 0.93 -21.41
N LYS A 134 -29.87 1.04 -22.13
CA LYS A 134 -30.91 2.00 -21.76
C LYS A 134 -31.45 1.75 -20.37
N ASN A 135 -31.27 0.54 -19.83
CA ASN A 135 -31.75 0.17 -18.50
C ASN A 135 -30.62 0.05 -17.49
N GLY A 136 -29.44 0.56 -17.82
CA GLY A 136 -28.36 0.67 -16.84
C GLY A 136 -27.44 -0.53 -16.77
N ALA A 137 -27.15 -1.16 -17.91
CA ALA A 137 -26.20 -2.27 -17.92
C ALA A 137 -24.78 -1.74 -17.80
N ALA A 138 -23.96 -2.45 -17.03
CA ALA A 138 -22.58 -2.03 -16.76
C ALA A 138 -21.67 -2.57 -17.85
N VAL A 139 -21.15 -1.66 -18.68
CA VAL A 139 -20.34 -2.06 -19.83
C VAL A 139 -18.98 -2.61 -19.42
N GLY A 140 -18.51 -2.30 -18.22
CA GLY A 140 -17.19 -2.73 -17.78
C GLY A 140 -17.14 -4.05 -17.04
N ALA A 141 -18.27 -4.71 -16.87
CA ALA A 141 -18.31 -5.97 -16.13
C ALA A 141 -17.41 -7.00 -16.79
N GLN A 142 -16.64 -7.72 -15.98
CA GLN A 142 -15.74 -8.76 -16.45
C GLN A 142 -16.14 -10.10 -15.87
N ASP A 143 -15.90 -11.15 -16.66
CA ASP A 143 -16.16 -12.52 -16.24
C ASP A 143 -14.85 -13.18 -15.83
N LYS A 144 -14.94 -14.45 -15.42
CA LYS A 144 -13.76 -15.15 -14.91
C LYS A 144 -12.60 -15.10 -15.88
N PHE A 145 -12.88 -15.02 -17.18
CA PHE A 145 -11.83 -14.87 -18.18
C PHE A 145 -11.40 -13.42 -18.36
N GLY A 146 -11.98 -12.49 -17.60
CA GLY A 146 -11.63 -11.10 -17.74
C GLY A 146 -12.18 -10.44 -18.98
N LYS A 147 -13.25 -10.99 -19.54
CA LYS A 147 -13.85 -10.47 -20.77
C LYS A 147 -14.99 -9.53 -20.44
N THR A 148 -15.01 -8.39 -21.08
CA THR A 148 -16.16 -7.50 -21.03
C THR A 148 -17.08 -7.79 -22.21
N PRO A 149 -18.33 -7.31 -22.15
CA PRO A 149 -19.20 -7.44 -23.34
C PRO A 149 -18.55 -6.90 -24.60
N LYS A 150 -17.78 -5.82 -24.48
CA LYS A 150 -17.06 -5.29 -25.64
C LYS A 150 -16.08 -6.32 -26.20
N ASP A 151 -15.32 -6.99 -25.32
CA ASP A 151 -14.34 -7.94 -25.77
C ASP A 151 -14.99 -9.14 -26.44
N LEU A 152 -16.13 -9.59 -25.92
CA LEU A 152 -16.83 -10.73 -26.51
C LEU A 152 -17.35 -10.39 -27.90
N ALA A 153 -18.03 -9.26 -28.04
CA ALA A 153 -18.47 -8.81 -29.35
C ALA A 153 -17.30 -8.75 -30.32
N ARG A 154 -16.24 -8.03 -29.95
CA ARG A 154 -15.05 -7.96 -30.78
C ARG A 154 -14.56 -9.34 -31.17
N ASP A 155 -14.25 -10.17 -30.18
CA ASP A 155 -13.73 -11.51 -30.47
C ASP A 155 -14.66 -12.33 -31.34
N ASN A 156 -15.94 -11.97 -31.41
CA ASN A 156 -16.92 -12.75 -32.16
C ASN A 156 -17.32 -12.10 -33.48
N GLY A 157 -16.84 -10.89 -33.77
CA GLY A 157 -17.06 -10.29 -35.06
C GLY A 157 -18.25 -9.36 -35.15
N ASN A 158 -18.83 -8.94 -34.04
CA ASN A 158 -19.96 -8.00 -34.04
C ASN A 158 -19.39 -6.59 -34.00
N GLN A 159 -18.90 -6.13 -35.15
CA GLN A 159 -18.23 -4.84 -35.21
C GLN A 159 -19.15 -3.71 -34.78
N TRP A 160 -20.39 -3.72 -35.26
CA TRP A 160 -21.35 -2.69 -34.87
C TRP A 160 -21.47 -2.61 -33.34
N ILE A 161 -21.59 -3.75 -32.69
CA ILE A 161 -21.73 -3.77 -31.24
C ILE A 161 -20.43 -3.39 -30.55
N TYR A 162 -19.30 -3.91 -31.06
CA TYR A 162 -18.01 -3.55 -30.48
C TYR A 162 -17.82 -2.03 -30.46
N GLU A 163 -18.06 -1.38 -31.61
CA GLU A 163 -17.93 0.07 -31.68
C GLU A 163 -18.90 0.77 -30.75
N LEU A 164 -20.10 0.21 -30.58
CA LEU A 164 -21.09 0.81 -29.68
C LEU A 164 -20.57 0.80 -28.25
N LEU A 165 -20.03 -0.33 -27.81
CA LEU A 165 -19.54 -0.44 -26.44
C LEU A 165 -18.19 0.25 -26.27
N GLU A 166 -17.30 0.15 -27.27
CA GLU A 166 -16.05 0.89 -27.21
C GLU A 166 -16.31 2.38 -27.01
N LYS A 167 -17.36 2.89 -27.64
CA LYS A 167 -17.72 4.30 -27.48
C LYS A 167 -18.32 4.56 -26.10
N ALA A 168 -19.02 3.58 -25.52
CA ALA A 168 -19.63 3.80 -24.21
C ALA A 168 -18.57 3.79 -23.11
N GLU A 169 -17.59 2.89 -23.21
CA GLU A 169 -16.48 2.91 -22.25
C GLU A 169 -15.71 4.22 -22.33
N LYS A 170 -15.43 4.67 -23.56
CA LYS A 170 -14.72 5.93 -23.74
C LYS A 170 -15.46 7.08 -23.07
N ASP A 171 -16.81 7.03 -23.08
CA ASP A 171 -17.59 8.11 -22.50
C ASP A 171 -17.58 8.05 -20.97
N LEU A 172 -17.63 6.85 -20.40
CA LEU A 172 -17.62 6.74 -18.94
C LEU A 172 -16.31 7.27 -18.36
N ARG A 173 -15.18 6.90 -18.98
CA ARG A 173 -13.89 7.39 -18.51
C ARG A 173 -13.83 8.92 -18.54
N ARG A 174 -14.26 9.52 -19.64
CA ARG A 174 -14.26 10.98 -19.75
C ARG A 174 -15.20 11.60 -18.72
N LYS A 175 -16.45 11.13 -18.67
CA LYS A 175 -17.43 11.72 -17.76
C LYS A 175 -17.05 11.49 -16.31
N LEU A 176 -16.45 10.34 -16.00
CA LEU A 176 -16.01 10.08 -14.63
C LEU A 176 -14.96 11.10 -14.20
N LEU A 177 -13.91 11.25 -14.99
CA LEU A 177 -12.84 12.20 -14.64
C LEU A 177 -13.39 13.61 -14.47
N GLU A 178 -14.26 14.04 -15.39
CA GLU A 178 -14.83 15.37 -15.29
C GLU A 178 -15.69 15.52 -14.05
N ALA A 179 -16.32 14.44 -13.59
CA ALA A 179 -17.13 14.50 -12.38
C ALA A 179 -16.26 14.53 -11.13
N ALA A 180 -15.19 13.73 -11.10
CA ALA A 180 -14.28 13.75 -9.95
C ALA A 180 -13.65 15.13 -9.79
N ARG A 181 -13.25 15.76 -10.89
CA ARG A 181 -12.63 17.07 -10.83
C ARG A 181 -13.64 18.18 -10.54
N ALA A 182 -14.93 17.93 -10.77
CA ALA A 182 -15.95 18.95 -10.60
C ALA A 182 -16.68 18.85 -9.27
N GLY A 183 -16.59 17.73 -8.58
CA GLY A 183 -17.27 17.58 -7.30
C GLY A 183 -18.67 16.99 -7.41
N HIS A 184 -18.94 16.21 -8.44
CA HIS A 184 -20.27 15.61 -8.64
C HIS A 184 -20.29 14.21 -8.01
N ARG A 185 -20.33 14.20 -6.68
CA ARG A 185 -20.33 12.94 -5.94
C ARG A 185 -21.40 11.98 -6.48
N GLU A 186 -22.59 12.51 -6.76
CA GLU A 186 -23.66 11.65 -7.25
C GLU A 186 -23.32 11.10 -8.62
N GLU A 187 -22.94 11.98 -9.55
CA GLU A 187 -22.56 11.53 -10.89
C GLU A 187 -21.45 10.49 -10.84
N VAL A 188 -20.53 10.63 -9.88
CA VAL A 188 -19.44 9.64 -9.76
C VAL A 188 -20.00 8.28 -9.39
N GLU A 189 -20.75 8.22 -8.28
CA GLU A 189 -21.31 6.94 -7.84
C GLU A 189 -22.11 6.28 -8.95
N LYS A 190 -22.84 7.07 -9.73
CA LYS A 190 -23.59 6.54 -10.86
C LYS A 190 -22.66 5.87 -11.88
N LEU A 191 -21.70 6.64 -12.40
CA LEU A 191 -20.82 6.12 -13.44
C LEU A 191 -20.06 4.88 -12.98
N ILE A 192 -19.78 4.76 -11.68
CA ILE A 192 -19.11 3.56 -11.18
C ILE A 192 -20.01 2.34 -11.34
N LYS A 193 -21.31 2.50 -11.05
CA LYS A 193 -22.23 1.39 -11.24
C LYS A 193 -22.30 0.95 -12.69
N LEU A 194 -22.06 1.87 -13.62
CA LEU A 194 -22.13 1.58 -15.05
C LEU A 194 -20.85 0.95 -15.58
N GLY A 195 -19.90 0.59 -14.70
CA GLY A 195 -18.69 -0.10 -15.11
C GLY A 195 -17.47 0.77 -15.29
N ALA A 196 -17.58 2.08 -15.03
CA ALA A 196 -16.46 2.98 -15.24
C ALA A 196 -15.23 2.50 -14.50
N ASP A 197 -14.10 2.45 -15.20
CA ASP A 197 -12.83 2.04 -14.62
C ASP A 197 -12.41 3.06 -13.58
N VAL A 198 -12.48 2.68 -12.30
CA VAL A 198 -12.15 3.63 -11.23
C VAL A 198 -10.69 4.08 -11.33
N ASN A 199 -9.84 3.28 -11.97
CA ASN A 199 -8.41 3.59 -12.07
C ASN A 199 -8.03 4.13 -13.44
N THR A 200 -8.99 4.67 -14.20
CA THR A 200 -8.65 5.29 -15.46
C THR A 200 -7.81 6.54 -15.22
N ALA A 201 -7.00 6.90 -16.22
CA ALA A 201 -6.06 8.01 -16.11
C ALA A 201 -6.16 8.90 -17.33
N ASP A 202 -6.00 10.20 -17.11
CA ASP A 202 -6.06 11.19 -18.19
C ASP A 202 -4.72 11.22 -18.94
N GLU A 203 -4.46 12.30 -19.67
CA GLU A 203 -3.27 12.35 -20.53
C GLU A 203 -2.00 12.39 -19.71
N THR A 204 -2.02 13.00 -18.53
CA THR A 204 -0.84 13.13 -17.68
C THR A 204 -0.79 12.08 -16.58
N GLY A 205 -1.70 11.12 -16.59
CA GLY A 205 -1.70 10.04 -15.61
C GLY A 205 -2.53 10.29 -14.38
N PHE A 206 -3.17 11.45 -14.27
CA PHE A 206 -4.02 11.73 -13.12
C PHE A 206 -5.27 10.85 -13.17
N THR A 207 -5.59 10.25 -12.05
CA THR A 207 -6.77 9.40 -11.89
C THR A 207 -7.90 10.19 -11.26
N PRO A 208 -9.10 9.63 -11.21
CA PRO A 208 -10.18 10.29 -10.45
C PRO A 208 -9.79 10.63 -9.03
N LEU A 209 -8.89 9.84 -8.42
CA LEU A 209 -8.47 10.11 -7.05
C LEU A 209 -7.53 11.31 -6.98
N HIS A 210 -6.53 11.37 -7.88
CA HIS A 210 -5.71 12.56 -7.99
C HIS A 210 -6.57 13.81 -8.09
N LEU A 211 -7.51 13.83 -9.04
CA LEU A 211 -8.35 14.99 -9.24
C LEU A 211 -9.20 15.28 -8.00
N ALA A 212 -9.77 14.25 -7.40
CA ALA A 212 -10.59 14.45 -6.22
C ALA A 212 -9.76 15.03 -5.06
N ALA A 213 -8.51 14.59 -4.94
CA ALA A 213 -7.64 15.13 -3.90
C ALA A 213 -7.17 16.54 -4.25
N TRP A 214 -6.85 16.77 -5.52
CA TRP A 214 -6.36 18.08 -5.94
C TRP A 214 -7.42 19.15 -5.73
N GLU A 215 -8.68 18.84 -6.01
CA GLU A 215 -9.76 19.82 -5.93
C GLU A 215 -10.41 19.90 -4.57
N GLY A 216 -10.20 18.90 -3.71
CA GLY A 216 -10.71 18.94 -2.35
C GLY A 216 -12.12 18.40 -2.21
N HIS A 217 -12.44 17.33 -2.94
CA HIS A 217 -13.76 16.71 -2.87
C HIS A 217 -13.65 15.47 -1.99
N LEU A 218 -13.76 15.70 -0.68
CA LEU A 218 -13.60 14.61 0.29
C LEU A 218 -14.55 13.46 -0.02
N GLY A 219 -15.81 13.77 -0.28
CA GLY A 219 -16.78 12.72 -0.52
C GLY A 219 -16.38 11.80 -1.65
N ILE A 220 -16.00 12.38 -2.79
CA ILE A 220 -15.59 11.58 -3.93
C ILE A 220 -14.37 10.74 -3.59
N VAL A 221 -13.44 11.31 -2.82
CA VAL A 221 -12.25 10.56 -2.39
C VAL A 221 -12.66 9.34 -1.59
N GLU A 222 -13.74 9.44 -0.81
CA GLU A 222 -14.19 8.30 -0.01
C GLU A 222 -14.85 7.24 -0.88
N VAL A 223 -15.66 7.67 -1.85
CA VAL A 223 -16.32 6.72 -2.76
C VAL A 223 -15.27 5.97 -3.57
N LEU A 224 -14.38 6.70 -4.25
CA LEU A 224 -13.38 6.06 -5.10
C LEU A 224 -12.58 5.01 -4.34
N LEU A 225 -12.23 5.29 -3.08
CA LEU A 225 -11.47 4.32 -2.29
C LEU A 225 -12.32 3.10 -1.95
N LYS A 226 -13.57 3.31 -1.55
CA LYS A 226 -14.44 2.20 -1.21
C LYS A 226 -14.59 1.23 -2.37
N ASN A 227 -14.42 1.70 -3.61
CA ASN A 227 -14.59 0.89 -4.80
C ASN A 227 -13.28 0.33 -5.32
N GLY A 228 -12.20 0.41 -4.54
CA GLY A 228 -10.95 -0.21 -4.91
C GLY A 228 -9.98 0.68 -5.66
N ALA A 229 -10.15 2.00 -5.60
CA ALA A 229 -9.21 2.90 -6.27
C ALA A 229 -7.81 2.72 -5.68
N ASP A 230 -6.80 2.81 -6.55
CA ASP A 230 -5.41 2.70 -6.13
C ASP A 230 -5.01 3.95 -5.37
N VAL A 231 -4.83 3.84 -4.06
CA VAL A 231 -4.53 5.01 -3.24
C VAL A 231 -3.15 5.56 -3.57
N ASN A 232 -2.22 4.71 -3.98
CA ASN A 232 -0.86 5.11 -4.30
C ASN A 232 -0.62 5.20 -5.81
N ALA A 233 -1.66 5.52 -6.58
CA ALA A 233 -1.51 5.65 -8.01
C ALA A 233 -0.54 6.80 -8.34
N ASN A 234 0.27 6.60 -9.36
CA ASN A 234 1.27 7.58 -9.77
C ASN A 234 0.89 8.16 -11.13
N ASP A 235 1.02 9.48 -11.26
CA ASP A 235 0.95 10.10 -12.57
C ASP A 235 2.23 9.79 -13.33
N GLU A 236 2.37 10.36 -14.52
CA GLU A 236 3.54 10.08 -15.33
C GLU A 236 4.84 10.61 -14.72
N ARG A 237 4.79 11.24 -13.54
CA ARG A 237 5.99 11.79 -12.90
C ARG A 237 6.10 11.44 -11.43
N GLY A 238 5.33 10.46 -10.95
CA GLY A 238 5.49 9.96 -9.60
C GLY A 238 4.69 10.67 -8.52
N HIS A 239 3.75 11.52 -8.90
CA HIS A 239 2.91 12.22 -7.93
C HIS A 239 1.74 11.32 -7.55
N THR A 240 1.59 11.06 -6.27
CA THR A 240 0.46 10.30 -5.74
C THR A 240 -0.64 11.26 -5.29
N PRO A 241 -1.83 10.74 -5.00
CA PRO A 241 -2.88 11.62 -4.46
C PRO A 241 -2.46 12.32 -3.18
N LEU A 242 -1.64 11.66 -2.35
CA LEU A 242 -1.17 12.30 -1.12
C LEU A 242 -0.34 13.54 -1.43
N HIS A 243 0.51 13.47 -2.46
CA HIS A 243 1.23 14.66 -2.91
C HIS A 243 0.26 15.81 -3.17
N LEU A 244 -0.77 15.57 -3.96
CA LEU A 244 -1.68 16.64 -4.35
C LEU A 244 -2.46 17.16 -3.16
N ALA A 245 -2.90 16.27 -2.26
CA ALA A 245 -3.63 16.70 -1.08
C ALA A 245 -2.75 17.59 -0.20
N ALA A 246 -1.48 17.23 -0.04
CA ALA A 246 -0.56 18.07 0.73
C ALA A 246 -0.30 19.39 0.02
N TYR A 247 -0.08 19.35 -1.29
CA TYR A 247 0.13 20.56 -2.07
C TYR A 247 -1.02 21.54 -1.85
N THR A 248 -2.24 21.10 -2.12
CA THR A 248 -3.40 21.98 -2.03
C THR A 248 -3.87 22.19 -0.60
N GLY A 249 -3.53 21.28 0.32
CA GLY A 249 -3.80 21.50 1.72
C GLY A 249 -5.19 21.09 2.16
N HIS A 250 -5.52 19.82 2.02
CA HIS A 250 -6.82 19.28 2.40
C HIS A 250 -6.61 18.25 3.51
N LEU A 251 -6.64 18.73 4.76
CA LEU A 251 -6.34 17.88 5.90
C LEU A 251 -7.16 16.61 5.88
N GLU A 252 -8.48 16.73 5.70
CA GLU A 252 -9.35 15.57 5.78
C GLU A 252 -8.96 14.53 4.73
N ILE A 253 -8.68 14.96 3.50
CA ILE A 253 -8.28 14.04 2.46
C ILE A 253 -6.94 13.38 2.80
N VAL A 254 -5.98 14.18 3.29
CA VAL A 254 -4.69 13.63 3.70
C VAL A 254 -4.91 12.54 4.75
N GLU A 255 -5.86 12.75 5.66
CA GLU A 255 -6.13 11.76 6.69
C GLU A 255 -6.73 10.49 6.09
N VAL A 256 -7.73 10.65 5.21
CA VAL A 256 -8.38 9.50 4.61
C VAL A 256 -7.37 8.66 3.82
N LEU A 257 -6.55 9.32 3.01
CA LEU A 257 -5.57 8.60 2.20
C LEU A 257 -4.63 7.79 3.08
N LEU A 258 -4.07 8.41 4.13
CA LEU A 258 -3.18 7.69 5.03
C LEU A 258 -3.89 6.51 5.68
N LYS A 259 -5.13 6.72 6.12
CA LYS A 259 -5.91 5.61 6.68
C LYS A 259 -6.03 4.46 5.70
N ASN A 260 -6.08 4.76 4.40
CA ASN A 260 -6.27 3.76 3.37
C ASN A 260 -4.96 3.25 2.78
N GLY A 261 -3.83 3.50 3.45
CA GLY A 261 -2.56 2.94 3.03
C GLY A 261 -1.72 3.82 2.14
N ALA A 262 -1.91 5.14 2.18
CA ALA A 262 -1.11 6.02 1.35
C ALA A 262 0.36 5.95 1.75
N GLY A 263 1.23 6.11 0.76
CA GLY A 263 2.66 6.12 1.01
C GLY A 263 3.12 7.46 1.55
N VAL A 264 3.28 7.55 2.87
CA VAL A 264 3.56 8.84 3.50
C VAL A 264 4.88 9.43 3.04
N ASN A 265 5.81 8.59 2.56
CA ASN A 265 7.13 9.04 2.14
C ASN A 265 7.33 8.88 0.63
N ALA A 266 6.25 8.73 -0.13
CA ALA A 266 6.37 8.62 -1.58
C ALA A 266 7.07 9.85 -2.14
N THR A 267 7.93 9.63 -3.13
CA THR A 267 8.71 10.70 -3.73
C THR A 267 8.51 10.69 -5.24
N ASP A 268 8.32 11.87 -5.82
CA ASP A 268 8.18 11.99 -7.26
C ASP A 268 9.55 11.83 -7.90
N VAL A 269 9.66 12.18 -9.19
CA VAL A 269 10.92 12.06 -9.90
C VAL A 269 11.94 13.10 -9.47
N ILE A 270 11.54 14.07 -8.65
CA ILE A 270 12.45 15.09 -8.13
C ILE A 270 12.78 14.87 -6.66
N GLY A 271 12.40 13.72 -6.10
CA GLY A 271 12.63 13.49 -4.69
C GLY A 271 11.73 14.26 -3.76
N THR A 272 10.73 14.98 -4.30
CA THR A 272 9.79 15.71 -3.47
C THR A 272 8.78 14.75 -2.86
N ALA A 273 8.67 14.80 -1.54
CA ALA A 273 7.70 14.02 -0.80
C ALA A 273 6.54 14.90 -0.38
N PRO A 274 5.45 14.31 0.13
CA PRO A 274 4.34 15.15 0.60
C PRO A 274 4.74 16.13 1.67
N LEU A 275 5.71 15.78 2.52
CA LEU A 275 6.14 16.70 3.58
C LEU A 275 6.81 17.93 2.98
N HIS A 276 7.61 17.75 1.93
CA HIS A 276 8.18 18.90 1.23
C HIS A 276 7.11 19.91 0.85
N LEU A 277 5.95 19.41 0.41
CA LEU A 277 4.92 20.30 -0.13
C LEU A 277 4.13 20.96 0.98
N ALA A 278 3.82 20.23 2.05
CA ALA A 278 3.13 20.84 3.19
C ALA A 278 3.99 21.94 3.81
N ALA A 279 5.27 21.65 4.05
CA ALA A 279 6.17 22.66 4.59
C ALA A 279 6.34 23.83 3.63
N MET A 280 6.50 23.53 2.33
CA MET A 280 6.66 24.58 1.34
C MET A 280 5.47 25.52 1.34
N TRP A 281 4.26 24.99 1.33
CA TRP A 281 3.04 25.78 1.17
C TRP A 281 2.35 26.05 2.50
N GLY A 282 3.05 25.90 3.62
CA GLY A 282 2.55 26.38 4.90
C GLY A 282 1.27 25.73 5.37
N HIS A 283 1.15 24.41 5.21
CA HIS A 283 -0.01 23.67 5.68
C HIS A 283 0.37 22.99 6.99
N LEU A 284 0.34 23.76 8.07
CA LEU A 284 0.78 23.29 9.38
C LEU A 284 0.14 21.96 9.74
N GLU A 285 -1.20 21.95 9.81
CA GLU A 285 -1.91 20.76 10.26
C GLU A 285 -1.46 19.51 9.50
N ILE A 286 -1.31 19.63 8.18
CA ILE A 286 -0.89 18.46 7.39
C ILE A 286 0.53 18.07 7.73
N VAL A 287 1.40 19.03 8.01
CA VAL A 287 2.76 18.71 8.44
C VAL A 287 2.72 17.81 9.67
N GLU A 288 1.86 18.14 10.63
CA GLU A 288 1.78 17.34 11.85
C GLU A 288 1.25 15.94 11.56
N VAL A 289 0.28 15.82 10.65
CA VAL A 289 -0.27 14.50 10.32
C VAL A 289 0.80 13.64 9.67
N LEU A 290 1.63 14.22 8.80
CA LEU A 290 2.62 13.44 8.07
C LEU A 290 3.73 12.96 9.01
N LEU A 291 4.23 13.85 9.88
CA LEU A 291 5.21 13.42 10.88
C LEU A 291 4.63 12.36 11.79
N LYS A 292 3.38 12.55 12.24
CA LYS A 292 2.73 11.57 13.09
C LYS A 292 2.57 10.21 12.41
N ASN A 293 2.56 10.17 11.08
CA ASN A 293 2.37 8.93 10.33
C ASN A 293 3.66 8.37 9.76
N GLY A 294 4.81 8.91 10.15
CA GLY A 294 6.10 8.36 9.77
C GLY A 294 6.88 9.14 8.73
N ALA A 295 6.43 10.34 8.35
CA ALA A 295 7.15 11.14 7.39
C ALA A 295 8.60 11.33 7.84
N ALA A 296 9.52 11.16 6.90
CA ALA A 296 10.95 11.29 7.19
C ALA A 296 11.39 12.73 6.99
N VAL A 297 12.01 13.30 8.03
CA VAL A 297 12.45 14.69 7.97
C VAL A 297 13.77 14.85 7.21
N GLY A 298 14.55 13.79 7.08
CA GLY A 298 15.84 13.88 6.43
C GLY A 298 15.80 13.83 4.92
N ALA A 299 14.60 13.74 4.33
CA ALA A 299 14.48 13.57 2.89
C ALA A 299 14.83 14.87 2.17
N GLN A 300 15.67 14.76 1.15
CA GLN A 300 16.10 15.90 0.34
C GLN A 300 15.59 15.76 -1.07
N ASP A 301 15.20 16.88 -1.69
CA ASP A 301 14.83 16.88 -3.09
C ASP A 301 16.10 16.93 -3.93
N LYS A 302 15.97 17.12 -5.24
CA LYS A 302 17.16 17.15 -6.09
C LYS A 302 18.00 18.40 -5.86
N PHE A 303 17.45 19.42 -5.21
CA PHE A 303 18.20 20.61 -4.84
C PHE A 303 18.88 20.47 -3.48
N GLY A 304 18.79 19.30 -2.85
CA GLY A 304 19.30 19.12 -1.51
C GLY A 304 18.42 19.68 -0.42
N LYS A 305 17.30 20.30 -0.77
CA LYS A 305 16.43 20.93 0.20
C LYS A 305 15.61 19.89 0.95
N THR A 306 15.60 19.99 2.27
CA THR A 306 14.71 19.21 3.11
C THR A 306 13.41 19.97 3.35
N PRO A 307 12.40 19.32 3.91
CA PRO A 307 11.18 20.06 4.26
C PRO A 307 11.48 21.26 5.15
N LYS A 308 12.38 21.10 6.12
CA LYS A 308 12.75 22.22 6.99
C LYS A 308 13.39 23.35 6.19
N ASP A 309 14.25 23.01 5.23
CA ASP A 309 14.85 24.04 4.38
C ASP A 309 13.79 24.83 3.64
N LEU A 310 12.71 24.18 3.22
CA LEU A 310 11.70 24.83 2.40
C LEU A 310 10.81 25.75 3.24
N ALA A 311 10.43 25.30 4.45
CA ALA A 311 9.70 26.18 5.35
C ALA A 311 10.56 27.39 5.73
N ARG A 312 11.84 27.16 6.01
CA ARG A 312 12.74 28.27 6.31
C ARG A 312 12.89 29.19 5.11
N ASP A 313 13.04 28.61 3.91
CA ASP A 313 13.21 29.43 2.71
C ASP A 313 11.93 30.15 2.32
N ASN A 314 10.77 29.60 2.67
CA ASN A 314 9.49 30.17 2.29
C ASN A 314 8.82 30.94 3.41
N GLY A 315 9.47 31.08 4.57
CA GLY A 315 8.95 31.93 5.62
C GLY A 315 7.89 31.32 6.49
N ASN A 316 7.87 29.99 6.63
CA ASN A 316 6.92 29.31 7.52
C ASN A 316 7.68 28.97 8.81
N GLN A 317 7.77 29.96 9.70
CA GLN A 317 8.60 29.83 10.88
C GLN A 317 8.07 28.76 11.83
N TRP A 318 6.82 28.88 12.24
CA TRP A 318 6.26 27.89 13.17
C TRP A 318 6.40 26.47 12.62
N ILE A 319 6.33 26.31 11.31
CA ILE A 319 6.59 25.01 10.71
C ILE A 319 8.06 24.66 10.80
N TYR A 320 8.94 25.63 10.60
CA TYR A 320 10.37 25.41 10.79
C TYR A 320 10.66 24.94 12.20
N GLU A 321 10.03 25.57 13.20
CA GLU A 321 10.25 25.18 14.59
C GLU A 321 9.85 23.71 14.80
N LEU A 322 8.68 23.32 14.31
CA LEU A 322 8.21 21.95 14.49
C LEU A 322 9.17 20.95 13.86
N LEU A 323 9.65 21.25 12.65
CA LEU A 323 10.58 20.34 11.98
C LEU A 323 11.93 20.31 12.69
N GLU A 324 12.42 21.47 13.13
CA GLU A 324 13.64 21.51 13.90
C GLU A 324 13.51 20.68 15.18
N LYS A 325 12.37 20.78 15.86
CA LYS A 325 12.13 19.95 17.03
C LYS A 325 12.10 18.48 16.66
N ALA A 326 11.44 18.14 15.55
CA ALA A 326 11.35 16.74 15.14
C ALA A 326 12.74 16.16 14.89
N GLU A 327 13.61 16.93 14.23
CA GLU A 327 14.98 16.45 13.99
C GLU A 327 15.70 16.21 15.31
N LYS A 328 15.58 17.16 16.25
CA LYS A 328 16.21 16.98 17.55
C LYS A 328 15.67 15.75 18.26
N ASP A 329 14.36 15.50 18.16
CA ASP A 329 13.76 14.37 18.85
C ASP A 329 14.27 13.05 18.29
N LEU A 330 14.47 12.96 16.97
CA LEU A 330 14.90 11.71 16.37
C LEU A 330 16.34 11.37 16.77
N ARG A 331 17.21 12.39 16.87
CA ARG A 331 18.59 12.13 17.26
C ARG A 331 18.68 11.78 18.74
N ARG A 332 17.75 12.28 19.56
CA ARG A 332 17.70 11.88 20.96
C ARG A 332 17.18 10.45 21.08
N LYS A 333 16.08 10.14 20.39
CA LYS A 333 15.53 8.79 20.45
C LYS A 333 16.51 7.75 19.92
N LEU A 334 17.32 8.13 18.92
CA LEU A 334 18.31 7.18 18.39
C LEU A 334 19.35 6.82 19.43
N LEU A 335 19.82 7.81 20.19
CA LEU A 335 20.73 7.53 21.29
C LEU A 335 20.06 6.63 22.32
N GLU A 336 18.81 6.94 22.68
CA GLU A 336 18.11 6.16 23.68
C GLU A 336 17.83 4.74 23.18
N ALA A 337 17.49 4.59 21.90
CA ALA A 337 17.24 3.27 21.35
C ALA A 337 18.52 2.45 21.29
N ALA A 338 19.63 3.07 20.87
CA ALA A 338 20.91 2.35 20.83
C ALA A 338 21.29 1.82 22.20
N ARG A 339 21.07 2.62 23.25
CA ARG A 339 21.38 2.18 24.60
C ARG A 339 20.47 1.04 25.04
N ALA A 340 19.15 1.25 24.91
CA ALA A 340 18.19 0.29 25.45
C ALA A 340 18.30 -1.08 24.78
N GLY A 341 18.79 -1.12 23.55
CA GLY A 341 18.90 -2.38 22.83
C GLY A 341 17.67 -2.67 21.99
N HIS A 342 17.18 -1.67 21.29
CA HIS A 342 15.96 -1.76 20.50
C HIS A 342 16.35 -1.65 19.03
N ARG A 343 16.67 -2.79 18.41
CA ARG A 343 17.10 -2.78 17.02
C ARG A 343 15.99 -2.26 16.10
N GLU A 344 14.75 -2.69 16.35
CA GLU A 344 13.63 -2.21 15.53
C GLU A 344 13.52 -0.70 15.60
N GLU A 345 13.49 -0.14 16.81
CA GLU A 345 13.40 1.30 16.96
C GLU A 345 14.59 2.00 16.30
N VAL A 346 15.78 1.40 16.40
CA VAL A 346 16.96 2.01 15.78
C VAL A 346 16.82 2.03 14.27
N GLU A 347 16.48 0.90 13.66
CA GLU A 347 16.43 0.81 12.21
C GLU A 347 15.47 1.84 11.63
N LYS A 348 14.29 2.00 12.24
CA LYS A 348 13.32 2.94 11.71
C LYS A 348 13.79 4.38 11.91
N LEU A 349 14.21 4.72 13.14
CA LEU A 349 14.67 6.07 13.41
C LEU A 349 15.79 6.50 12.46
N ILE A 350 16.62 5.55 12.04
CA ILE A 350 17.64 5.85 11.03
C ILE A 350 16.98 6.22 9.71
N LYS A 351 15.83 5.61 9.40
CA LYS A 351 15.14 5.92 8.15
C LYS A 351 14.49 7.29 8.19
N LEU A 352 13.83 7.63 9.30
CA LEU A 352 13.19 8.94 9.41
C LEU A 352 14.18 10.08 9.21
N GLY A 353 15.48 9.82 9.39
CA GLY A 353 16.50 10.81 9.13
C GLY A 353 17.40 11.11 10.31
N ALA A 354 17.37 10.25 11.32
CA ALA A 354 18.19 10.47 12.52
C ALA A 354 19.67 10.39 12.16
N ASP A 355 20.41 11.45 12.50
CA ASP A 355 21.85 11.45 12.29
C ASP A 355 22.49 10.26 13.01
N VAL A 356 23.20 9.43 12.25
CA VAL A 356 23.79 8.23 12.84
C VAL A 356 24.99 8.58 13.71
N ASN A 357 25.65 9.70 13.41
CA ASN A 357 26.84 10.12 14.14
C ASN A 357 26.54 11.24 15.14
N THR A 358 25.29 11.39 15.56
CA THR A 358 24.96 12.38 16.58
C THR A 358 25.57 11.98 17.91
N ALA A 359 25.78 12.98 18.77
CA ALA A 359 26.39 12.76 20.07
C ALA A 359 25.61 13.49 21.15
N ASP A 360 25.74 12.99 22.38
CA ASP A 360 25.10 13.62 23.53
C ASP A 360 26.07 14.62 24.16
N GLU A 361 25.88 14.93 25.44
CA GLU A 361 26.74 15.90 26.11
C GLU A 361 28.15 15.34 26.31
N THR A 362 28.25 14.07 26.72
CA THR A 362 29.55 13.43 26.92
C THR A 362 30.32 13.23 25.63
N GLY A 363 29.68 13.38 24.47
CA GLY A 363 30.28 12.99 23.21
C GLY A 363 30.00 11.57 22.80
N PHE A 364 29.16 10.85 23.54
CA PHE A 364 28.81 9.49 23.18
C PHE A 364 27.89 9.48 21.97
N THR A 365 28.21 8.65 20.99
CA THR A 365 27.39 8.42 19.82
C THR A 365 26.57 7.16 20.01
N PRO A 366 25.56 6.93 19.16
CA PRO A 366 24.83 5.66 19.25
C PRO A 366 25.75 4.45 19.23
N LEU A 367 26.82 4.51 18.43
CA LEU A 367 27.77 3.41 18.39
C LEU A 367 28.46 3.23 19.74
N HIS A 368 28.91 4.33 20.36
CA HIS A 368 29.47 4.27 21.70
C HIS A 368 28.53 3.52 22.64
N LEU A 369 27.30 4.02 22.78
CA LEU A 369 26.33 3.40 23.68
C LEU A 369 26.13 1.93 23.35
N ALA A 370 26.15 1.59 22.05
CA ALA A 370 25.93 0.19 21.66
C ALA A 370 27.09 -0.68 22.09
N ALA A 371 28.31 -0.19 21.96
CA ALA A 371 29.47 -0.97 22.39
C ALA A 371 29.54 -1.07 23.91
N TRP A 372 29.19 0.00 24.62
CA TRP A 372 29.24 -0.02 26.08
C TRP A 372 28.22 -0.99 26.66
N GLU A 373 27.01 -1.02 26.09
CA GLU A 373 25.94 -1.89 26.58
C GLU A 373 25.97 -3.27 25.96
N GLY A 374 26.86 -3.53 25.00
CA GLY A 374 27.00 -4.86 24.44
C GLY A 374 25.89 -5.29 23.52
N HIS A 375 25.41 -4.39 22.66
CA HIS A 375 24.34 -4.69 21.70
C HIS A 375 24.99 -4.87 20.33
N LEU A 376 25.46 -6.10 20.06
CA LEU A 376 26.15 -6.36 18.81
C LEU A 376 25.25 -6.11 17.61
N GLY A 377 23.98 -6.51 17.70
CA GLY A 377 23.03 -6.26 16.63
C GLY A 377 23.01 -4.80 16.22
N ILE A 378 22.73 -3.92 17.18
CA ILE A 378 22.65 -2.50 16.89
C ILE A 378 23.99 -1.97 16.40
N VAL A 379 25.10 -2.52 16.89
CA VAL A 379 26.42 -2.10 16.42
C VAL A 379 26.51 -2.29 14.91
N GLU A 380 26.16 -3.49 14.43
CA GLU A 380 26.26 -3.79 13.01
C GLU A 380 25.39 -2.84 12.19
N VAL A 381 24.19 -2.54 12.68
CA VAL A 381 23.28 -1.66 11.94
C VAL A 381 23.91 -0.29 11.74
N LEU A 382 24.44 0.28 12.82
CA LEU A 382 25.02 1.62 12.73
C LEU A 382 26.22 1.66 11.79
N LEU A 383 27.10 0.66 11.89
CA LEU A 383 28.31 0.65 11.07
C LEU A 383 27.98 0.71 9.59
N LYS A 384 27.13 -0.20 9.11
CA LYS A 384 26.78 -0.21 7.69
C LYS A 384 26.05 1.07 7.28
N ASN A 385 25.44 1.78 8.21
CA ASN A 385 24.79 3.05 7.93
C ASN A 385 25.74 4.24 8.04
N GLY A 386 27.05 3.99 8.09
CA GLY A 386 28.02 5.06 8.03
C GLY A 386 28.46 5.62 9.37
N ALA A 387 28.20 4.91 10.46
CA ALA A 387 28.63 5.39 11.77
C ALA A 387 30.14 5.44 11.85
N ASP A 388 30.67 6.58 12.30
CA ASP A 388 32.11 6.75 12.46
C ASP A 388 32.64 5.72 13.45
N VAL A 389 33.55 4.86 12.98
CA VAL A 389 34.07 3.80 13.83
C VAL A 389 35.04 4.35 14.86
N ASN A 390 35.77 5.42 14.52
CA ASN A 390 36.74 6.02 15.42
C ASN A 390 36.21 7.31 16.05
N ALA A 391 34.90 7.43 16.20
CA ALA A 391 34.33 8.59 16.87
C ALA A 391 34.87 8.69 18.27
N ASN A 392 35.12 9.93 18.71
CA ASN A 392 35.68 10.20 20.03
C ASN A 392 34.67 10.97 20.87
N ASP A 393 34.72 10.74 22.17
CA ASP A 393 33.96 11.53 23.13
C ASP A 393 34.90 12.57 23.76
N GLU A 394 34.39 13.29 24.76
CA GLU A 394 35.22 14.29 25.44
C GLU A 394 36.43 13.62 26.08
N ARG A 395 36.26 12.41 26.60
CA ARG A 395 37.36 11.65 27.19
C ARG A 395 38.32 11.08 26.15
N GLY A 396 38.02 11.23 24.86
CA GLY A 396 38.84 10.62 23.83
C GLY A 396 38.60 9.14 23.62
N HIS A 397 37.50 8.61 24.15
CA HIS A 397 37.21 7.19 24.02
C HIS A 397 36.63 6.88 22.64
N THR A 398 37.05 5.78 22.09
CA THR A 398 36.57 5.18 20.86
C THR A 398 35.61 4.04 21.18
N PRO A 399 34.62 3.76 20.34
CA PRO A 399 33.79 2.57 20.60
C PRO A 399 34.60 1.32 20.87
N LEU A 400 35.77 1.20 20.26
CA LEU A 400 36.66 0.08 20.54
C LEU A 400 37.14 0.11 22.00
N HIS A 401 37.42 1.30 22.52
CA HIS A 401 37.78 1.42 23.94
C HIS A 401 36.69 0.80 24.81
N LEU A 402 35.46 1.32 24.70
CA LEU A 402 34.37 0.84 25.53
C LEU A 402 34.19 -0.67 25.39
N ALA A 403 34.42 -1.21 24.19
CA ALA A 403 34.27 -2.64 23.99
C ALA A 403 35.32 -3.43 24.77
N ALA A 404 36.58 -2.98 24.73
CA ALA A 404 37.63 -3.65 25.50
C ALA A 404 37.44 -3.46 26.99
N TYR A 405 36.92 -2.30 27.40
CA TYR A 405 36.65 -2.04 28.82
C TYR A 405 35.68 -3.05 29.40
N THR A 406 34.68 -3.46 28.60
CA THR A 406 33.57 -4.28 29.09
C THR A 406 33.72 -5.76 28.74
N GLY A 407 34.61 -6.12 27.82
CA GLY A 407 34.82 -7.51 27.49
C GLY A 407 33.94 -8.07 26.40
N HIS A 408 33.35 -7.22 25.57
CA HIS A 408 32.48 -7.68 24.49
C HIS A 408 33.35 -8.14 23.33
N LEU A 409 33.66 -9.44 23.32
CA LEU A 409 34.57 -9.99 22.31
C LEU A 409 34.06 -9.74 20.90
N GLU A 410 32.82 -10.15 20.62
CA GLU A 410 32.31 -10.09 19.25
C GLU A 410 32.25 -8.65 18.75
N ILE A 411 31.89 -7.71 19.62
CA ILE A 411 31.81 -6.32 19.19
C ILE A 411 33.19 -5.77 18.84
N VAL A 412 34.24 -6.26 19.51
CA VAL A 412 35.60 -5.87 19.15
C VAL A 412 35.93 -6.35 17.76
N GLU A 413 35.56 -7.60 17.43
CA GLU A 413 35.89 -8.15 16.12
C GLU A 413 35.19 -7.39 15.00
N VAL A 414 33.93 -7.02 15.21
CA VAL A 414 33.19 -6.29 14.19
C VAL A 414 33.72 -4.87 14.06
N LEU A 415 34.07 -4.24 15.19
CA LEU A 415 34.63 -2.89 15.14
C LEU A 415 35.94 -2.88 14.35
N LEU A 416 36.88 -3.74 14.72
CA LEU A 416 38.13 -3.84 13.98
C LEU A 416 37.88 -4.20 12.52
N LYS A 417 36.96 -5.14 12.28
CA LYS A 417 36.62 -5.52 10.91
C LYS A 417 36.27 -4.30 10.08
N ASN A 418 35.55 -3.35 10.66
CA ASN A 418 35.11 -2.16 9.94
C ASN A 418 36.08 -0.98 10.10
N GLY A 419 37.31 -1.25 10.51
CA GLY A 419 38.35 -0.24 10.50
C GLY A 419 38.59 0.51 11.79
N ALA A 420 38.20 -0.06 12.93
CA ALA A 420 38.41 0.61 14.21
C ALA A 420 39.89 0.78 14.49
N GLY A 421 40.31 2.01 14.81
CA GLY A 421 41.69 2.28 15.16
C GLY A 421 42.14 1.44 16.33
N VAL A 422 42.92 0.39 16.06
CA VAL A 422 43.29 -0.55 17.11
C VAL A 422 44.23 0.11 18.12
N ASN A 423 45.09 1.00 17.66
CA ASN A 423 46.07 1.66 18.52
C ASN A 423 45.60 3.05 18.98
N ALA A 424 44.33 3.38 18.79
CA ALA A 424 43.84 4.68 19.18
C ALA A 424 44.03 4.89 20.68
N THR A 425 44.31 6.14 21.05
CA THR A 425 44.53 6.50 22.45
C THR A 425 43.54 7.56 22.87
N ASP A 426 43.13 7.50 24.14
CA ASP A 426 42.21 8.49 24.68
C ASP A 426 42.98 9.72 25.13
N VAL A 427 42.34 10.59 25.92
CA VAL A 427 43.01 11.81 26.37
C VAL A 427 44.19 11.47 27.26
N ILE A 428 44.08 10.40 28.06
CA ILE A 428 45.16 10.00 28.96
C ILE A 428 46.22 9.15 28.27
N GLY A 429 46.04 8.85 26.98
CA GLY A 429 46.95 7.97 26.28
C GLY A 429 46.63 6.50 26.42
N THR A 430 45.55 6.16 27.14
CA THR A 430 45.15 4.76 27.27
C THR A 430 44.68 4.23 25.92
N ALA A 431 45.09 3.00 25.61
CA ALA A 431 44.72 2.37 24.35
C ALA A 431 43.87 1.14 24.62
N PRO A 432 43.22 0.58 23.60
CA PRO A 432 42.38 -0.60 23.84
C PRO A 432 43.11 -1.75 24.53
N LEU A 433 44.38 -1.97 24.19
CA LEU A 433 45.11 -3.08 24.79
C LEU A 433 45.31 -2.87 26.29
N HIS A 434 45.53 -1.62 26.71
CA HIS A 434 45.63 -1.33 28.14
C HIS A 434 44.38 -1.82 28.87
N LEU A 435 43.20 -1.49 28.34
CA LEU A 435 41.95 -1.87 29.00
C LEU A 435 41.80 -3.39 29.06
N ALA A 436 42.10 -4.07 27.96
CA ALA A 436 41.93 -5.53 27.91
C ALA A 436 42.80 -6.20 28.96
N ALA A 437 44.08 -5.83 29.04
CA ALA A 437 44.97 -6.41 30.05
C ALA A 437 44.60 -5.93 31.44
N MET A 438 44.17 -4.67 31.55
CA MET A 438 43.80 -4.13 32.87
C MET A 438 42.61 -4.87 33.45
N TRP A 439 41.65 -5.26 32.60
CA TRP A 439 40.42 -5.90 33.05
C TRP A 439 40.41 -7.40 32.78
N GLY A 440 41.51 -7.96 32.29
CA GLY A 440 41.63 -9.40 32.16
C GLY A 440 40.73 -10.03 31.12
N HIS A 441 40.75 -9.51 29.89
CA HIS A 441 39.96 -10.05 28.80
C HIS A 441 40.87 -10.80 27.84
N LEU A 442 41.32 -11.98 28.29
CA LEU A 442 42.30 -12.77 27.55
C LEU A 442 41.97 -12.85 26.06
N GLU A 443 40.82 -13.42 25.72
CA GLU A 443 40.45 -13.61 24.33
C GLU A 443 40.54 -12.30 23.55
N ILE A 444 40.12 -11.19 24.18
CA ILE A 444 40.18 -9.91 23.48
C ILE A 444 41.62 -9.46 23.29
N VAL A 445 42.51 -9.77 24.23
CA VAL A 445 43.91 -9.42 24.05
C VAL A 445 44.49 -10.17 22.85
N GLU A 446 44.04 -11.40 22.62
CA GLU A 446 44.51 -12.17 21.47
C GLU A 446 44.05 -11.50 20.17
N VAL A 447 42.82 -11.00 20.13
CA VAL A 447 42.31 -10.37 18.92
C VAL A 447 43.06 -9.07 18.64
N LEU A 448 43.21 -8.23 19.66
CA LEU A 448 43.88 -6.94 19.48
C LEU A 448 45.28 -7.13 18.91
N LEU A 449 46.10 -7.93 19.57
CA LEU A 449 47.46 -8.17 19.08
C LEU A 449 47.43 -8.78 17.69
N LYS A 450 46.48 -9.70 17.44
CA LYS A 450 46.38 -10.30 16.12
C LYS A 450 45.99 -9.26 15.07
N ASN A 451 45.25 -8.22 15.46
CA ASN A 451 44.91 -7.11 14.58
C ASN A 451 45.97 -6.00 14.62
N GLY A 452 47.19 -6.32 14.99
CA GLY A 452 48.28 -5.36 14.93
C GLY A 452 48.32 -4.36 16.06
N ALA A 453 47.72 -4.68 17.21
CA ALA A 453 47.71 -3.75 18.33
C ALA A 453 49.11 -3.50 18.85
N ASP A 454 49.40 -2.25 19.19
CA ASP A 454 50.70 -1.89 19.73
C ASP A 454 50.85 -2.49 21.13
N VAL A 455 51.98 -3.15 21.37
CA VAL A 455 52.24 -3.79 22.65
C VAL A 455 53.17 -2.91 23.48
N ASN A 456 53.99 -2.11 22.81
CA ASN A 456 54.90 -1.20 23.49
C ASN A 456 54.22 0.10 23.95
N ALA A 457 52.95 0.30 23.59
CA ALA A 457 52.29 1.56 23.89
C ALA A 457 52.32 1.85 25.38
N GLN A 458 52.62 3.09 25.73
CA GLN A 458 52.64 3.56 27.11
C GLN A 458 51.57 4.62 27.29
N ASP A 459 50.99 4.68 28.48
CA ASP A 459 49.94 5.62 28.80
C ASP A 459 50.54 6.86 29.48
N LYS A 460 49.68 7.70 30.04
CA LYS A 460 50.12 8.93 30.69
C LYS A 460 51.11 8.64 31.82
N PHE A 461 51.00 7.48 32.45
CA PHE A 461 51.86 7.10 33.55
C PHE A 461 53.05 6.28 33.11
N GLY A 462 53.29 6.17 31.80
CA GLY A 462 54.34 5.32 31.29
C GLY A 462 54.07 3.84 31.42
N LYS A 463 52.93 3.45 32.00
CA LYS A 463 52.63 2.04 32.19
C LYS A 463 52.30 1.38 30.87
N THR A 464 52.71 0.13 30.73
CA THR A 464 52.44 -0.67 29.56
C THR A 464 51.29 -1.63 29.82
N PRO A 465 50.65 -2.14 28.77
CA PRO A 465 49.61 -3.17 28.98
C PRO A 465 50.11 -4.33 29.83
N PHE A 466 51.37 -4.73 29.63
CA PHE A 466 51.97 -5.74 30.49
C PHE A 466 52.02 -5.25 31.94
N ASP A 467 52.50 -4.02 32.14
CA ASP A 467 52.56 -3.45 33.49
C ASP A 467 51.17 -3.44 34.12
N LEU A 468 50.14 -3.08 33.35
CA LEU A 468 48.78 -3.11 33.88
C LEU A 468 48.32 -4.53 34.13
N ALA A 469 48.80 -5.50 33.35
CA ALA A 469 48.53 -6.90 33.66
C ALA A 469 49.22 -7.32 34.95
N ILE A 470 50.40 -6.76 35.23
CA ILE A 470 51.06 -7.00 36.50
C ILE A 470 50.25 -6.39 37.64
N ASP A 471 49.97 -5.09 37.53
CA ASP A 471 49.30 -4.39 38.62
C ASP A 471 47.95 -5.02 38.94
N ASN A 472 47.20 -5.43 37.92
CA ASN A 472 45.94 -6.12 38.14
C ASN A 472 46.12 -7.62 38.36
N GLY A 473 47.31 -8.15 38.15
CA GLY A 473 47.62 -9.52 38.50
C GLY A 473 46.90 -10.56 37.65
N ASN A 474 46.97 -10.42 36.33
CA ASN A 474 46.44 -11.41 35.41
C ASN A 474 47.64 -12.13 34.79
N GLU A 475 48.04 -13.23 35.43
CA GLU A 475 49.23 -13.96 34.99
C GLU A 475 49.13 -14.37 33.52
N ASP A 476 48.02 -14.99 33.14
CA ASP A 476 47.88 -15.50 31.78
C ASP A 476 48.15 -14.42 30.75
N ILE A 477 47.36 -13.34 30.78
CA ILE A 477 47.55 -12.26 29.82
C ILE A 477 48.97 -11.70 29.91
N ALA A 478 49.53 -11.66 31.13
CA ALA A 478 50.91 -11.20 31.28
C ALA A 478 51.87 -12.07 30.47
N GLU A 479 51.74 -13.38 30.60
CA GLU A 479 52.63 -14.28 29.87
C GLU A 479 52.49 -14.11 28.36
N VAL A 480 51.30 -13.75 27.89
CA VAL A 480 51.10 -13.55 26.46
C VAL A 480 51.77 -12.26 26.00
N LEU A 481 51.45 -11.14 26.66
CA LEU A 481 52.13 -9.88 26.38
C LEU A 481 53.63 -10.04 26.51
N GLN A 482 54.09 -10.80 27.51
CA GLN A 482 55.51 -11.06 27.65
C GLN A 482 56.07 -11.82 26.45
N LYS A 483 55.29 -12.77 25.93
CA LYS A 483 55.74 -13.54 24.76
C LYS A 483 55.69 -12.70 23.50
N ALA A 484 54.69 -11.82 23.38
CA ALA A 484 54.59 -10.97 22.20
C ALA A 484 55.78 -10.03 22.09
N ALA A 485 56.21 -9.44 23.20
CA ALA A 485 57.34 -8.52 23.20
C ALA A 485 58.64 -9.24 22.83
C1 B3P B . 5.46 33.36 1.84
C2 B3P B . 4.30 32.49 1.36
C3 B3P B . 6.61 33.26 0.84
N1 B3P B . 7.32 34.52 0.74
C4 B3P B . 8.51 34.50 -0.13
C5 B3P B . 9.29 35.78 0.10
C6 B3P B . 9.43 33.33 0.19
C7 B3P B . 8.12 34.41 -1.61
N2 B3P B . 3.35 32.20 2.43
C8 B3P B . 2.39 31.16 2.05
C9 B3P B . 1.19 31.21 2.99
C10 B3P B . 3.03 29.77 2.15
C11 B3P B . 1.87 31.33 0.63
O1 B3P B . 1.40 30.36 4.09
O2 B3P B . 3.56 29.55 3.44
O3 B3P B . 1.40 32.63 0.45
O4 B3P B . 9.68 35.86 1.44
O5 B3P B . 9.51 33.17 1.59
O6 B3P B . 7.73 35.68 -2.07
H11 B3P B . 5.17 34.28 1.91
H12 B3P B . 5.76 33.05 2.71
H21 B3P B . 4.65 31.66 1.01
H22 B3P B . 3.82 32.96 0.65
H31 B3P B . 7.22 32.56 1.13
H32 B3P B . 6.25 33.02 -0.04
HN1 B3P B . 6.76 35.16 0.46
H51 B3P B . 8.73 36.55 -0.12
H52 B3P B . 10.07 35.79 -0.47
H61 B3P B . 10.30 33.50 -0.17
H62 B3P B . 9.07 32.51 -0.20
H71 B3P B . 8.89 34.11 -2.11
H72 B3P B . 7.40 33.78 -1.72
HN2 B3P B . 2.91 32.94 2.65
H91 B3P B . 0.39 30.93 2.51
H92 B3P B . 1.07 32.11 3.31
H101 B3P B . 3.76 29.71 1.50
H102 B3P B . 2.37 29.10 1.96
H111 B3P B . 1.15 30.71 0.47
H112 B3P B . 2.58 31.16 0.00
HO1 B3P B . 1.70 30.80 4.75
HO2 B3P B . 3.71 28.73 3.54
HO3 B3P B . 0.56 32.67 0.62
HO4 B3P B . 9.00 35.98 1.93
HO5 B3P B . 10.26 32.81 1.78
HO6 B3P B . 7.98 35.77 -2.88
#